data_8OST
#
_entry.id   8OST
#
_cell.length_a   1.00
_cell.length_b   1.00
_cell.length_c   1.00
_cell.angle_alpha   90.00
_cell.angle_beta   90.00
_cell.angle_gamma   90.00
#
_symmetry.space_group_name_H-M   'P 1'
#
loop_
_entity.id
_entity.type
_entity.pdbx_description
1 polymer 'Terminal uridylyltransferase 4'
2 polymer 'Protein lin-28 homolog A'
3 polymer pre-let7-g
4 non-polymer 'ZINC ION'
#
loop_
_entity_poly.entity_id
_entity_poly.type
_entity_poly.pdbx_seq_one_letter_code
_entity_poly.pdbx_strand_id
1 'polypeptide(L)'
;MEESKTLKSENHEPKKNVICEESKAVQVIGNQTLKARNDKSVKEIENSSPNRNSSKKNKQNDICIEKTEVKSCKVNAANL
PGPKDLGLVLRDQSHCKAKKFPNSPVKAEKATISQAKSEKATSLQAKAEKSPKSPNSVKAEKASSYQMKSEKVPSSPAEA
EKGPSLLLKDMRQKTELQQIGKKIPSSFTSVDKVNIEAVGGEKCALQNSPRSQKQQTCTDNTGDSDDSASGIEDVSDDLS
KMKNDESNKENSSEMDYLENATVIDESALTPEQRLGLKQAEERLERDHIFRLEKRSPEYTNCRYLCKLCLIHIENIQGAH
KHIKEKRHKKNILEKQEESELRSLPPPSPAHLAALSVAVIELAKEHGITDDDLRVRQEIVEEMSKVITTFLPECSLRLYG
SSLTRFALKSSDVNIDIKFPPKMNHPDLLIKVLGILKKNVLYVDVESDFHAKVPVVVCRDRKSGLLCRVSAGNDMACLTT
DLLTALGKIEPVFIPLVLAFRYWAKLCYIDSQTDGGIPSYCFALMVMFFLQQRKPPLLPCLLGSWIEGFDPKRMDDFQLK
GIVEEKFVKWECNSSSATEKNSIAEENKAKADQPKDDTKKTETDNQSNAMKEKHGKSPLALETPNRVSLGQLWLELLKFY
TLDFALEEYVICVRIQDILTRENKNWPKRRIAIEDPFSVKRNVARSLNSQLVYEYVVERFRAAYRYFACPQTKGGNKSTV
DFKKREKGKISNKKPVKSNNMATNGCILLGETTEKINAEREQPVQCDEMDCTSQRCIIDNNNLLVNELDFADHGQDSSSL
STSKSSEIEPKLDKKQDDLAPSETCLKKELSQCNCIDLSKSPDPDKSTGTDCRSNLETESSHQSVCTDTSATSCNCKATE
DASDLNDDDNLPTQELYYVFDKFILTSGKPPTIVCSICKKDGHSKNDCPEDFRKIDLKPLPPMTNRFREILDLVCKRCFD
ELSPPCSEQHNREQILIGLEKFIQKEYDEKARLCLFGSSKNGFGFRDSDLDICMTLEGHENAEKLNCKEIIENLAKILKR
HPGLRNILPITTAKVPIVKFEHRRSGLEGDISLYNTLAQHNTRMLATYAAIDPRVQYLGYTMKVFAKRCDIGDASRGSLS
SYAYILMVLYFLQQRKPPVIPVLQEIFDGKQIPQRMVDGWNAFFFDKTEELKKRLPSLGKNTESLGELWLGLLRFYTEEF
DFKEYVISIRQKKLLTTFEKQWTSKCIAIEDPFDLNHNLGAGVSRKMTNFIMKAFINGRKLFGTPFYPLIGREAEYFFDS
RVLTDGELAPNDRCCRVCGKIGHYMKDCPKRKSLLFRLKKKDSEEEKEGNEEEKDSRDVLDPRDLHDTRDFRDPRDLRCF
ICGDAGHVRRECPEVKLARQRNSSVAAAQLVRNLVNAQQVAGSAQQQGDQSIRTRQSSECSESPSYSPQPQPFPQNSSQS
AAITQPSSQPGSQPKLGPPQQGAQPPHQVQMPLYNFPQSPPAQYSPMHNMGLLPMHPLQIPAPSWPIHGPVIHSAPGSAP
SNIGLNDPSIIFAQPAARPVAIPNTSHDGHWPRTVAPNSLVNSGAVGNSEPGFRGLTPPIPWEHAPRPHFPLVPASWPYG
LHQNFMHQGNARFQPNKPFYTQDRCATRRCRERCPHPPRGNVSE
;
A
2 'polypeptide(L)'
;MGSVSNQQFAGGCAKAAEEAPEEAPEDAARAADEPQLLHGAGICKWFNVRMGFGFLSMTARAGVALDPPVDVFVHQSKLH
MEGFRSLKEGEAVEFTFKKSAKGLESIRVTGPGGVFCIGSERRPKGKSMQKRRSKGDRCYNCGGLDHHAKECKLPPQPKK
CHFCQSISHMVASCPLKAQQGPSAQGKPTYFREEEEEIHSPTLLPEAQN
;
B
3 'polyribonucleotide' GGUAGUAGUUUGUACAGUUUGAGGGUCUAUGAUACAACCCGGUACAGGAGAUAACUGUACAGGCCACUG C
#
loop_
_chem_comp.id
_chem_comp.type
_chem_comp.name
_chem_comp.formula
A RNA linking ADENOSINE-5'-MONOPHOSPHATE 'C10 H14 N5 O7 P'
C RNA linking CYTIDINE-5'-MONOPHOSPHATE 'C9 H14 N3 O8 P'
G RNA linking GUANOSINE-5'-MONOPHOSPHATE 'C10 H14 N5 O8 P'
U RNA linking URIDINE-5'-MONOPHOSPHATE 'C9 H13 N2 O9 P'
ZN non-polymer 'ZINC ION' 'Zn 2'
#
# COMPACT_ATOMS: atom_id res chain seq x y z
N ARG A 274 37.42 30.04 -6.52
CA ARG A 274 37.06 29.14 -7.60
C ARG A 274 36.88 27.71 -7.08
N LEU A 275 37.99 27.08 -6.71
CA LEU A 275 37.93 25.72 -6.18
C LEU A 275 37.18 25.66 -4.86
N GLY A 276 37.35 26.68 -4.02
CA GLY A 276 36.71 26.69 -2.72
C GLY A 276 35.19 26.76 -2.78
N LEU A 277 34.64 27.25 -3.89
CA LEU A 277 33.19 27.35 -4.02
C LEU A 277 32.52 25.99 -3.75
N LYS A 278 33.14 24.91 -4.22
CA LYS A 278 32.59 23.58 -3.98
C LYS A 278 32.41 23.33 -2.49
N GLN A 279 33.41 23.69 -1.68
CA GLN A 279 33.28 23.50 -0.24
C GLN A 279 32.01 24.15 0.28
N ALA A 280 31.66 25.31 -0.28
CA ALA A 280 30.47 26.02 0.19
C ALA A 280 29.22 25.20 -0.05
N GLU A 281 29.13 24.55 -1.21
CA GLU A 281 28.01 23.64 -1.46
C GLU A 281 28.24 22.25 -0.90
N GLU A 282 29.47 21.93 -0.48
CA GLU A 282 29.72 20.61 0.08
C GLU A 282 28.86 20.37 1.31
N ARG A 283 28.75 21.36 2.19
CA ARG A 283 27.83 21.25 3.31
C ARG A 283 26.43 20.93 2.83
N LEU A 284 25.96 21.65 1.80
CA LEU A 284 24.64 21.39 1.26
C LEU A 284 24.52 19.97 0.73
N GLU A 285 25.61 19.40 0.22
CA GLU A 285 25.56 18.03 -0.28
C GLU A 285 25.19 17.04 0.82
N ARG A 286 25.42 17.40 2.08
CA ARG A 286 25.08 16.50 3.18
C ARG A 286 23.60 16.54 3.53
N ASP A 287 22.85 17.49 3.00
CA ASP A 287 21.39 17.55 3.16
C ASP A 287 20.65 17.18 1.89
N HIS A 288 21.31 16.47 0.97
CA HIS A 288 20.68 16.03 -0.28
C HIS A 288 20.22 17.22 -1.11
N ILE A 289 21.06 18.25 -1.18
CA ILE A 289 20.83 19.43 -2.01
C ILE A 289 21.82 19.38 -3.16
N PHE A 290 21.32 19.38 -4.39
CA PHE A 290 22.16 19.24 -5.57
C PHE A 290 21.90 20.40 -6.53
N ARG A 291 22.97 21.04 -6.99
CA ARG A 291 22.82 22.10 -7.97
C ARG A 291 22.43 21.52 -9.32
N LEU A 292 21.50 22.18 -10.00
CA LEU A 292 21.04 21.70 -11.30
C LEU A 292 22.19 21.68 -12.30
N GLU A 293 22.32 20.57 -13.02
CA GLU A 293 23.33 20.49 -14.08
C GLU A 293 23.05 21.51 -15.18
N LYS A 294 21.78 21.67 -15.54
CA LYS A 294 21.37 22.64 -16.55
C LYS A 294 20.07 23.29 -16.10
N ARG A 295 19.82 24.49 -16.63
CA ARG A 295 18.62 25.23 -16.26
C ARG A 295 17.37 24.42 -16.59
N SER A 296 16.41 24.44 -15.66
CA SER A 296 15.16 23.71 -15.83
C SER A 296 14.09 24.63 -16.41
N PRO A 297 13.39 24.22 -17.48
CA PRO A 297 12.42 25.15 -18.09
C PRO A 297 11.32 25.60 -17.15
N GLU A 298 10.84 24.72 -16.27
CA GLU A 298 9.72 25.09 -15.41
C GLU A 298 10.15 26.14 -14.38
N TYR A 299 11.38 26.07 -13.89
CA TYR A 299 11.96 27.09 -13.01
C TYR A 299 13.29 27.53 -13.64
N THR A 300 13.22 28.49 -14.56
CA THR A 300 14.44 28.96 -15.21
C THR A 300 15.36 29.68 -14.23
N ASN A 301 14.79 30.51 -13.35
CA ASN A 301 15.62 31.25 -12.41
C ASN A 301 16.32 30.31 -11.43
N CYS A 302 15.63 29.27 -10.98
CA CYS A 302 16.20 28.37 -9.98
C CYS A 302 17.35 27.57 -10.57
N ARG A 303 18.34 27.28 -9.71
CA ARG A 303 19.52 26.54 -10.12
C ARG A 303 19.85 25.39 -9.18
N TYR A 304 18.95 25.04 -8.26
CA TYR A 304 19.20 24.01 -7.26
C TYR A 304 17.99 23.10 -7.15
N LEU A 305 18.18 21.96 -6.47
CA LEU A 305 17.11 21.00 -6.29
C LEU A 305 17.34 20.23 -4.99
N CYS A 306 16.23 19.73 -4.43
CA CYS A 306 16.25 18.93 -3.22
C CYS A 306 15.76 17.53 -3.57
N LYS A 307 16.53 16.51 -3.19
CA LYS A 307 16.16 15.13 -3.48
C LYS A 307 14.93 14.72 -2.70
N LEU A 308 14.81 15.17 -1.45
CA LEU A 308 13.74 14.73 -0.57
C LEU A 308 12.52 15.63 -0.61
N CYS A 309 12.71 16.94 -0.77
CA CYS A 309 11.59 17.88 -0.70
C CYS A 309 11.00 18.19 -2.07
N LEU A 310 11.74 17.98 -3.16
CA LEU A 310 11.24 18.24 -4.50
C LEU A 310 10.87 19.71 -4.67
N ILE A 311 11.81 20.59 -4.32
CA ILE A 311 11.61 22.03 -4.41
C ILE A 311 12.87 22.64 -5.02
N HIS A 312 12.68 23.61 -5.91
CA HIS A 312 13.79 24.27 -6.59
C HIS A 312 14.20 25.52 -5.83
N ILE A 313 15.49 25.86 -5.90
CA ILE A 313 16.04 27.02 -5.25
C ILE A 313 16.95 27.76 -6.24
N GLU A 314 17.13 29.06 -5.99
CA GLU A 314 17.84 29.93 -6.92
C GLU A 314 19.19 30.40 -6.40
N ASN A 315 19.40 30.44 -5.08
CA ASN A 315 20.64 30.96 -4.53
C ASN A 315 21.10 30.07 -3.37
N ILE A 316 22.39 30.18 -3.05
CA ILE A 316 22.95 29.38 -1.97
C ILE A 316 22.36 29.81 -0.63
N GLN A 317 22.11 31.11 -0.47
CA GLN A 317 21.42 31.58 0.72
C GLN A 317 20.02 30.98 0.81
N GLY A 318 19.32 30.89 -0.32
CA GLY A 318 18.05 30.20 -0.35
C GLY A 318 18.18 28.74 0.03
N ALA A 319 19.27 28.10 -0.39
CA ALA A 319 19.51 26.71 -0.01
C ALA A 319 19.68 26.59 1.49
N HIS A 320 20.47 27.48 2.09
CA HIS A 320 20.65 27.44 3.54
C HIS A 320 19.34 27.69 4.28
N LYS A 321 18.53 28.61 3.76
CA LYS A 321 17.20 28.82 4.33
C LYS A 321 16.36 27.55 4.23
N HIS A 322 16.45 26.85 3.10
CA HIS A 322 15.73 25.60 2.93
C HIS A 322 16.20 24.55 3.93
N ILE A 323 17.49 24.56 4.27
CA ILE A 323 17.99 23.65 5.30
C ILE A 323 17.26 23.91 6.62
N LYS A 324 17.01 25.17 6.94
CA LYS A 324 16.33 25.53 8.18
C LYS A 324 14.85 25.19 8.17
N GLU A 325 14.28 24.82 7.02
CA GLU A 325 12.87 24.51 6.95
C GLU A 325 12.55 23.31 7.84
N LYS A 326 11.40 23.39 8.52
CA LYS A 326 10.99 22.30 9.39
C LYS A 326 10.76 21.01 8.62
N ARG A 327 10.10 21.10 7.46
CA ARG A 327 9.82 19.90 6.68
C ARG A 327 11.09 19.26 6.15
N HIS A 328 12.09 20.07 5.81
CA HIS A 328 13.35 19.52 5.31
C HIS A 328 13.97 18.58 6.34
N LYS A 329 14.06 19.03 7.59
CA LYS A 329 14.64 18.18 8.63
C LYS A 329 13.70 17.04 9.00
N LYS A 330 12.38 17.29 8.98
CA LYS A 330 11.43 16.23 9.28
C LYS A 330 11.50 15.10 8.26
N ASN A 331 11.92 15.41 7.04
CA ASN A 331 12.15 14.38 6.02
C ASN A 331 13.56 13.82 6.08
N ILE A 332 14.54 14.62 6.50
CA ILE A 332 15.90 14.11 6.65
C ILE A 332 15.96 13.05 7.73
N LEU A 333 15.24 13.25 8.83
CA LEU A 333 15.22 12.24 9.88
C LEU A 333 14.58 10.95 9.38
N GLU A 334 13.52 11.05 8.58
CA GLU A 334 12.90 9.87 8.00
C GLU A 334 13.86 9.16 7.05
N LYS A 335 14.61 9.92 6.25
CA LYS A 335 15.59 9.32 5.37
C LYS A 335 16.67 8.60 6.15
N GLN A 336 17.12 9.20 7.26
CA GLN A 336 18.11 8.54 8.11
C GLN A 336 17.56 7.25 8.70
N GLU A 337 16.29 7.27 9.14
CA GLU A 337 15.67 6.06 9.65
C GLU A 337 15.58 4.99 8.57
N GLU A 338 15.23 5.39 7.34
CA GLU A 338 15.19 4.44 6.24
C GLU A 338 16.56 3.84 5.97
N SER A 339 17.60 4.67 6.00
CA SER A 339 18.96 4.15 5.79
C SER A 339 19.34 3.18 6.89
N GLU A 340 18.98 3.50 8.14
CA GLU A 340 19.26 2.57 9.24
C GLU A 340 18.52 1.25 9.04
N LEU A 341 17.27 1.32 8.60
CA LEU A 341 16.51 0.09 8.33
C LEU A 341 17.17 -0.73 7.23
N ARG A 342 17.65 -0.08 6.17
CA ARG A 342 18.31 -0.80 5.10
C ARG A 342 19.54 -1.54 5.59
N SER A 343 20.20 -1.04 6.63
CA SER A 343 21.45 -1.58 7.12
C SER A 343 21.25 -2.67 8.17
N LEU A 344 20.02 -3.08 8.45
CA LEU A 344 19.79 -4.10 9.45
C LEU A 344 20.45 -5.42 9.02
N PRO A 345 21.02 -6.18 9.97
CA PRO A 345 21.70 -7.41 9.57
C PRO A 345 20.73 -8.43 9.02
N PRO A 346 21.18 -9.32 8.14
CA PRO A 346 20.27 -10.33 7.60
C PRO A 346 19.76 -11.24 8.70
N PRO A 347 18.54 -11.74 8.57
CA PRO A 347 18.00 -12.63 9.60
C PRO A 347 18.74 -13.97 9.63
N SER A 348 18.78 -14.58 10.81
CA SER A 348 19.39 -15.88 10.98
C SER A 348 18.38 -16.99 10.72
N PRO A 349 18.85 -18.19 10.35
CA PRO A 349 17.90 -19.28 10.07
C PRO A 349 17.00 -19.60 11.25
N ALA A 350 17.53 -19.57 12.48
CA ALA A 350 16.69 -19.83 13.65
C ALA A 350 15.63 -18.75 13.80
N HIS A 351 16.02 -17.48 13.62
CA HIS A 351 15.06 -16.39 13.69
C HIS A 351 14.00 -16.54 12.60
N LEU A 352 14.42 -16.92 11.39
CA LEU A 352 13.46 -17.11 10.31
C LEU A 352 12.46 -18.21 10.63
N ALA A 353 12.94 -19.33 11.17
CA ALA A 353 12.04 -20.42 11.52
C ALA A 353 11.08 -20.01 12.63
N ALA A 354 11.59 -19.30 13.64
CA ALA A 354 10.73 -18.84 14.72
C ALA A 354 9.66 -17.89 14.20
N LEU A 355 10.04 -16.97 13.31
CA LEU A 355 9.06 -16.05 12.74
C LEU A 355 8.04 -16.80 11.91
N SER A 356 8.47 -17.80 11.14
CA SER A 356 7.55 -18.56 10.31
C SER A 356 6.52 -19.29 11.16
N VAL A 357 6.98 -19.95 12.23
CA VAL A 357 6.03 -20.64 13.10
C VAL A 357 5.12 -19.64 13.79
N ALA A 358 5.64 -18.46 14.13
CA ALA A 358 4.78 -17.43 14.73
C ALA A 358 3.68 -17.00 13.76
N VAL A 359 4.02 -16.78 12.49
CA VAL A 359 3.01 -16.38 11.53
C VAL A 359 2.00 -17.50 11.32
N ILE A 360 2.48 -18.75 11.29
CA ILE A 360 1.55 -19.87 11.16
C ILE A 360 0.57 -19.90 12.31
N GLU A 361 1.07 -19.72 13.53
CA GLU A 361 0.19 -19.71 14.70
C GLU A 361 -0.80 -18.56 14.63
N LEU A 362 -0.33 -17.36 14.24
CA LEU A 362 -1.23 -16.22 14.14
C LEU A 362 -2.33 -16.45 13.11
N ALA A 363 -1.97 -17.02 11.96
CA ALA A 363 -2.95 -17.26 10.91
C ALA A 363 -3.95 -18.32 11.35
N LYS A 364 -3.49 -19.39 12.00
CA LYS A 364 -4.38 -20.48 12.35
C LYS A 364 -5.30 -20.12 13.51
N GLU A 365 -4.80 -19.31 14.46
CA GLU A 365 -5.62 -18.95 15.61
C GLU A 365 -6.80 -18.08 15.21
N HIS A 366 -6.58 -17.10 14.33
CA HIS A 366 -7.60 -16.13 13.94
C HIS A 366 -8.13 -16.36 12.53
N GLY A 367 -7.95 -17.56 11.98
CA GLY A 367 -8.29 -17.84 10.60
C GLY A 367 -9.58 -18.62 10.47
N ILE A 368 -10.45 -18.15 9.57
CA ILE A 368 -11.67 -18.88 9.25
C ILE A 368 -11.28 -20.20 8.60
N THR A 369 -11.61 -21.30 9.27
CA THR A 369 -11.30 -22.62 8.75
C THR A 369 -12.47 -23.17 7.94
N ASP A 370 -12.24 -24.32 7.30
CA ASP A 370 -13.28 -24.91 6.46
C ASP A 370 -14.53 -25.22 7.27
N ASP A 371 -14.38 -25.57 8.55
CA ASP A 371 -15.54 -25.84 9.39
C ASP A 371 -16.39 -24.59 9.58
N ASP A 372 -15.75 -23.44 9.81
CA ASP A 372 -16.51 -22.20 9.95
C ASP A 372 -17.22 -21.83 8.65
N LEU A 373 -16.56 -22.05 7.51
CA LEU A 373 -17.21 -21.78 6.23
C LEU A 373 -18.41 -22.71 6.01
N ARG A 374 -18.27 -23.98 6.41
CA ARG A 374 -19.40 -24.90 6.31
C ARG A 374 -20.55 -24.46 7.21
N VAL A 375 -20.23 -24.01 8.43
CA VAL A 375 -21.28 -23.52 9.32
C VAL A 375 -21.99 -22.32 8.71
N ARG A 376 -21.22 -21.39 8.13
CA ARG A 376 -21.83 -20.22 7.49
C ARG A 376 -22.71 -20.64 6.32
N GLN A 377 -22.23 -21.61 5.52
CA GLN A 377 -23.03 -22.09 4.39
C GLN A 377 -24.34 -22.70 4.88
N GLU A 378 -24.29 -23.49 5.94
CA GLU A 378 -25.48 -24.12 6.48
C GLU A 378 -26.40 -23.09 7.11
N VAL A 380 -26.38 -19.86 5.27
CA VAL A 380 -27.00 -19.01 4.26
C VAL A 380 -28.15 -19.77 3.59
N GLU A 381 -28.03 -21.10 3.53
CA GLU A 381 -29.04 -21.91 2.88
C GLU A 381 -30.37 -21.83 3.63
N GLU A 382 -30.34 -21.86 4.96
CA GLU A 382 -31.57 -21.77 5.73
C GLU A 382 -32.24 -20.42 5.52
N MET A 383 -31.46 -19.34 5.53
CA MET A 383 -32.04 -18.01 5.32
C MET A 383 -32.60 -17.89 3.90
N SER A 384 -31.91 -18.49 2.92
CA SER A 384 -32.44 -18.50 1.56
C SER A 384 -33.76 -19.25 1.50
N LYS A 385 -33.85 -20.38 2.20
CA LYS A 385 -35.12 -21.13 2.26
C LYS A 385 -36.20 -20.27 2.89
N VAL A 386 -35.87 -19.53 3.94
CA VAL A 386 -36.86 -18.69 4.60
C VAL A 386 -37.37 -17.62 3.64
N ILE A 387 -36.47 -16.97 2.90
CA ILE A 387 -36.88 -15.90 2.02
C ILE A 387 -37.66 -16.44 0.82
N THR A 388 -37.28 -17.62 0.32
CA THR A 388 -37.92 -18.15 -0.88
C THR A 388 -39.43 -18.30 -0.70
N THR A 389 -39.88 -18.60 0.52
CA THR A 389 -41.31 -18.68 0.77
C THR A 389 -41.99 -17.34 0.50
N PHE A 390 -41.36 -16.24 0.94
CA PHE A 390 -41.93 -14.92 0.71
C PHE A 390 -41.86 -14.52 -0.76
N LEU A 391 -40.70 -14.72 -1.39
CA LEU A 391 -40.46 -14.28 -2.75
C LEU A 391 -40.13 -15.49 -3.63
N PRO A 392 -40.84 -15.72 -4.73
CA PRO A 392 -40.54 -16.90 -5.55
C PRO A 392 -39.12 -16.91 -6.09
N GLU A 393 -38.57 -15.75 -6.45
CA GLU A 393 -37.21 -15.63 -6.94
C GLU A 393 -36.34 -15.00 -5.84
N CYS A 394 -35.40 -15.77 -5.33
CA CYS A 394 -34.55 -15.35 -4.21
C CYS A 394 -33.11 -15.29 -4.69
N SER A 395 -32.46 -14.14 -4.46
CA SER A 395 -31.08 -13.91 -4.90
C SER A 395 -30.18 -13.85 -3.66
N LEU A 396 -29.67 -15.01 -3.24
CA LEU A 396 -28.76 -15.11 -2.11
C LEU A 396 -27.52 -15.88 -2.54
N ARG A 397 -26.35 -15.33 -2.20
CA ARG A 397 -25.08 -16.00 -2.49
C ARG A 397 -24.06 -15.57 -1.44
N LEU A 398 -23.31 -16.54 -0.94
CA LEU A 398 -22.29 -16.25 0.07
C LEU A 398 -21.20 -15.38 -0.51
N TYR A 399 -20.75 -14.40 0.27
CA TYR A 399 -19.74 -13.46 -0.17
C TYR A 399 -19.01 -12.89 1.04
N GLY A 400 -17.75 -12.53 0.84
CA GLY A 400 -17.01 -11.80 1.85
C GLY A 400 -15.85 -12.57 2.45
N SER A 401 -15.53 -12.25 3.70
CA SER A 401 -14.36 -12.86 4.34
C SER A 401 -14.54 -14.37 4.49
N SER A 402 -15.73 -14.81 4.88
CA SER A 402 -15.95 -16.23 5.11
C SER A 402 -15.74 -17.03 3.83
N LEU A 403 -16.27 -16.53 2.71
CA LEU A 403 -16.08 -17.23 1.44
C LEU A 403 -14.60 -17.30 1.08
N THR A 404 -13.89 -16.19 1.23
CA THR A 404 -12.47 -16.14 0.89
C THR A 404 -11.59 -16.74 1.98
N ARG A 405 -12.09 -16.84 3.21
CA ARG A 405 -11.29 -17.31 4.34
C ARG A 405 -10.06 -16.44 4.58
N PHE A 406 -10.14 -15.16 4.21
CA PHE A 406 -9.02 -14.24 4.32
C PHE A 406 -9.13 -13.32 5.53
N ALA A 407 -10.12 -13.53 6.40
CA ALA A 407 -10.30 -12.70 7.58
C ALA A 407 -11.25 -13.42 8.53
N LEU A 408 -11.52 -12.78 9.66
CA LEU A 408 -12.51 -13.26 10.63
C LEU A 408 -13.54 -12.14 10.85
N LYS A 409 -14.57 -12.14 10.01
CA LYS A 409 -15.65 -11.16 10.07
C LYS A 409 -15.10 -9.74 9.94
N SER A 410 -14.12 -9.54 9.07
CA SER A 410 -13.51 -8.23 8.87
C SER A 410 -14.05 -7.49 7.66
N SER A 411 -14.03 -8.11 6.48
CA SER A 411 -14.46 -7.47 5.25
C SER A 411 -15.72 -8.16 4.76
N ASP A 412 -16.73 -7.36 4.41
CA ASP A 412 -17.97 -7.89 3.84
C ASP A 412 -18.48 -9.03 4.71
N VAL A 413 -18.64 -8.72 6.00
CA VAL A 413 -18.98 -9.74 6.99
C VAL A 413 -20.25 -10.48 6.62
N ASN A 414 -20.25 -11.78 6.91
CA ASN A 414 -21.37 -12.70 6.69
C ASN A 414 -21.69 -12.76 5.20
N ILE A 415 -22.94 -12.56 4.78
CA ILE A 415 -23.39 -12.78 3.41
C ILE A 415 -23.73 -11.44 2.77
N ASP A 416 -22.97 -11.06 1.75
CA ASP A 416 -23.27 -9.90 0.92
C ASP A 416 -23.78 -10.43 -0.42
N ILE A 417 -25.03 -10.14 -0.74
CA ILE A 417 -25.67 -10.78 -1.90
C ILE A 417 -25.44 -9.93 -3.15
N LYS A 418 -25.60 -10.59 -4.30
CA LYS A 418 -25.60 -9.94 -5.60
C LYS A 418 -26.84 -10.40 -6.35
N PHE A 419 -27.40 -9.51 -7.15
CA PHE A 419 -28.62 -9.79 -7.90
C PHE A 419 -28.50 -9.23 -9.30
N PRO A 420 -29.27 -9.77 -10.25
CA PRO A 420 -29.21 -9.25 -11.62
C PRO A 420 -29.85 -7.87 -11.72
N PRO A 421 -29.51 -7.09 -12.74
CA PRO A 421 -30.14 -5.77 -12.91
C PRO A 421 -31.48 -5.81 -13.64
N LYS A 422 -31.94 -6.98 -14.08
CA LYS A 422 -33.21 -7.04 -14.81
C LYS A 422 -34.39 -6.65 -13.92
N MET A 423 -34.33 -6.99 -12.64
CA MET A 423 -35.35 -6.54 -11.70
C MET A 423 -34.99 -5.14 -11.18
N ASN A 424 -35.81 -4.64 -10.26
CA ASN A 424 -35.59 -3.33 -9.64
C ASN A 424 -35.12 -3.55 -8.21
N HIS A 425 -33.89 -3.13 -7.94
CA HIS A 425 -33.27 -3.42 -6.64
C HIS A 425 -34.01 -2.76 -5.47
N PRO A 426 -34.37 -1.47 -5.54
CA PRO A 426 -34.98 -0.83 -4.35
C PRO A 426 -36.19 -1.58 -3.81
N ASP A 427 -37.18 -1.89 -4.64
CA ASP A 427 -38.35 -2.61 -4.15
C ASP A 427 -37.97 -3.96 -3.57
N LEU A 428 -37.04 -4.66 -4.23
CA LEU A 428 -36.56 -5.93 -3.69
C LEU A 428 -35.98 -5.75 -2.30
N LEU A 429 -35.14 -4.73 -2.12
CA LEU A 429 -34.55 -4.47 -0.81
C LEU A 429 -35.63 -4.22 0.23
N ILE A 430 -36.62 -3.39 -0.11
CA ILE A 430 -37.68 -3.07 0.85
C ILE A 430 -38.43 -4.34 1.24
N LYS A 431 -38.85 -5.13 0.24
CA LYS A 431 -39.66 -6.30 0.56
C LYS A 431 -38.86 -7.30 1.38
N VAL A 432 -37.59 -7.51 1.04
CA VAL A 432 -36.80 -8.50 1.78
C VAL A 432 -36.53 -8.03 3.20
N LEU A 433 -36.19 -6.75 3.38
CA LEU A 433 -35.98 -6.24 4.73
C LEU A 433 -37.27 -6.26 5.54
N GLY A 434 -38.43 -6.24 4.88
CA GLY A 434 -39.68 -6.32 5.61
C GLY A 434 -39.77 -7.54 6.51
N ILE A 435 -39.34 -8.70 6.03
CA ILE A 435 -39.43 -9.91 6.84
C ILE A 435 -38.45 -9.83 8.01
N LEU A 436 -37.18 -9.51 7.73
CA LEU A 436 -36.20 -9.46 8.80
C LEU A 436 -36.58 -8.46 9.88
N LYS A 437 -37.29 -7.39 9.51
CA LYS A 437 -37.80 -6.47 10.50
C LYS A 437 -39.05 -7.01 11.20
N LYS A 438 -39.82 -7.84 10.49
CA LYS A 438 -41.10 -8.31 11.04
C LYS A 438 -40.90 -9.25 12.22
N ASN A 439 -40.03 -10.25 12.07
CA ASN A 439 -39.82 -11.22 13.13
C ASN A 439 -39.12 -10.58 14.31
N VAL A 440 -39.67 -10.79 15.52
CA VAL A 440 -39.07 -10.25 16.73
C VAL A 440 -37.92 -11.10 17.24
N LEU A 441 -37.74 -12.31 16.70
CA LEU A 441 -36.63 -13.15 17.13
C LEU A 441 -35.29 -12.48 16.86
N TYR A 442 -35.14 -11.88 15.69
CA TYR A 442 -33.91 -11.16 15.37
C TYR A 442 -33.83 -9.87 16.20
N VAL A 443 -32.60 -9.41 16.39
CA VAL A 443 -32.33 -8.21 17.19
C VAL A 443 -31.60 -7.19 16.33
N ASP A 444 -31.87 -5.92 16.60
CA ASP A 444 -31.20 -4.79 15.96
C ASP A 444 -31.13 -4.98 14.44
N VAL A 445 -32.31 -4.97 13.84
CA VAL A 445 -32.44 -5.05 12.39
C VAL A 445 -32.73 -3.64 11.87
N GLU A 446 -31.79 -3.08 11.10
CA GLU A 446 -31.96 -1.81 10.44
C GLU A 446 -31.66 -1.96 8.94
N SER A 447 -31.89 -0.89 8.21
CA SER A 447 -31.58 -0.81 6.78
C SER A 447 -30.89 0.50 6.49
N ASP A 448 -29.69 0.43 5.92
CA ASP A 448 -28.89 1.60 5.60
C ASP A 448 -28.73 1.71 4.09
N PHE A 449 -29.04 2.88 3.54
CA PHE A 449 -28.88 3.16 2.12
C PHE A 449 -27.76 4.15 1.84
N HIS A 450 -26.92 4.45 2.84
CA HIS A 450 -25.85 5.42 2.67
C HIS A 450 -24.63 4.83 1.98
N ALA A 451 -24.53 3.51 1.87
CA ALA A 451 -23.40 2.89 1.20
C ALA A 451 -23.56 3.01 -0.33
N LYS A 452 -22.54 2.57 -1.05
CA LYS A 452 -22.60 2.60 -2.50
C LYS A 452 -23.78 1.80 -3.03
N VAL A 453 -24.20 0.77 -2.29
CA VAL A 453 -25.38 -0.01 -2.65
C VAL A 453 -26.26 -0.14 -1.41
N PRO A 454 -27.59 -0.19 -1.57
CA PRO A 454 -28.45 -0.36 -0.39
C PRO A 454 -28.13 -1.65 0.35
N VAL A 455 -28.22 -1.60 1.68
CA VAL A 455 -27.84 -2.71 2.54
C VAL A 455 -28.81 -2.81 3.70
N VAL A 456 -29.00 -4.03 4.20
CA VAL A 456 -29.84 -4.29 5.36
C VAL A 456 -29.02 -5.12 6.35
N VAL A 457 -29.06 -4.75 7.62
CA VAL A 457 -28.30 -5.41 8.67
C VAL A 457 -29.28 -6.00 9.67
N CYS A 458 -29.07 -7.25 10.04
CA CYS A 458 -29.93 -7.93 11.00
C CYS A 458 -29.11 -8.78 11.96
N LEU A 466 -24.55 -10.74 11.00
CA LEU A 466 -24.90 -9.43 10.46
C LEU A 466 -25.11 -9.59 8.96
N CYS A 467 -26.37 -9.67 8.54
CA CYS A 467 -26.67 -9.89 7.14
C CYS A 467 -26.42 -8.62 6.32
N ARG A 468 -26.18 -8.82 5.03
CA ARG A 468 -26.02 -7.73 4.07
C ARG A 468 -26.76 -8.09 2.80
N VAL A 469 -27.69 -7.24 2.38
CA VAL A 469 -28.50 -7.46 1.20
C VAL A 469 -28.31 -6.27 0.28
N SER A 470 -27.54 -6.46 -0.79
CA SER A 470 -27.26 -5.41 -1.78
C SER A 470 -27.43 -6.00 -3.17
N ALA A 471 -28.63 -5.87 -3.73
CA ALA A 471 -28.90 -6.38 -5.06
C ALA A 471 -28.24 -5.50 -6.12
N GLY A 472 -27.93 -6.11 -7.26
CA GLY A 472 -27.34 -5.41 -8.38
C GLY A 472 -25.84 -5.58 -8.54
N ASN A 473 -25.16 -6.19 -7.56
CA ASN A 473 -23.73 -6.40 -7.68
C ASN A 473 -23.43 -7.31 -8.87
N ASP A 474 -22.42 -6.94 -9.66
CA ASP A 474 -22.07 -7.69 -10.86
C ASP A 474 -20.59 -8.05 -10.89
N MET A 475 -19.76 -7.25 -10.22
CA MET A 475 -18.31 -7.44 -10.25
C MET A 475 -17.72 -7.94 -8.94
N ALA A 476 -18.39 -7.70 -7.81
CA ALA A 476 -17.87 -8.14 -6.53
C ALA A 476 -17.74 -9.66 -6.49
N CYS A 477 -18.78 -10.36 -6.93
CA CYS A 477 -18.72 -11.82 -7.00
C CYS A 477 -17.63 -12.28 -7.96
N LEU A 478 -17.44 -11.55 -9.06
CA LEU A 478 -16.40 -11.92 -10.01
C LEU A 478 -15.02 -11.84 -9.38
N THR A 479 -14.85 -11.00 -8.36
CA THR A 479 -13.57 -10.86 -7.67
C THR A 479 -13.42 -11.87 -6.53
N THR A 480 -14.50 -12.07 -5.75
CA THR A 480 -14.43 -13.09 -4.71
C THR A 480 -14.24 -14.47 -5.32
N ASP A 481 -14.68 -14.67 -6.56
CA ASP A 481 -14.40 -15.94 -7.23
C ASP A 481 -12.91 -16.15 -7.37
N LEU A 482 -12.19 -15.11 -7.81
CA LEU A 482 -10.74 -15.22 -7.92
C LEU A 482 -10.11 -15.45 -6.56
N LEU A 483 -10.56 -14.69 -5.55
CA LEU A 483 -9.96 -14.82 -4.22
C LEU A 483 -10.17 -16.22 -3.66
N THR A 484 -11.37 -16.78 -3.83
CA THR A 484 -11.63 -18.13 -3.38
C THR A 484 -10.80 -19.13 -4.18
N ALA A 485 -10.63 -18.86 -5.48
CA ALA A 485 -9.84 -19.75 -6.32
C ALA A 485 -8.40 -19.83 -5.82
N LEU A 486 -7.86 -18.71 -5.37
CA LEU A 486 -6.47 -18.70 -4.89
C LEU A 486 -6.32 -19.32 -3.51
N GLY A 487 -7.42 -19.62 -2.82
CA GLY A 487 -7.33 -20.08 -1.44
C GLY A 487 -6.51 -21.35 -1.30
N LYS A 488 -6.80 -22.37 -2.12
CA LYS A 488 -6.08 -23.63 -2.05
C LYS A 488 -5.04 -23.81 -3.15
N ILE A 489 -5.07 -23.01 -4.21
CA ILE A 489 -4.04 -23.13 -5.25
C ILE A 489 -2.67 -22.79 -4.68
N GLU A 490 -2.60 -21.79 -3.82
CA GLU A 490 -1.35 -21.40 -3.17
C GLU A 490 -1.57 -21.46 -1.67
N PRO A 491 -1.02 -22.47 -0.97
CA PRO A 491 -1.30 -22.59 0.47
C PRO A 491 -0.83 -21.40 1.28
N VAL A 492 0.30 -20.78 0.91
CA VAL A 492 0.83 -19.67 1.69
C VAL A 492 0.09 -18.37 1.44
N PHE A 493 -0.80 -18.33 0.44
CA PHE A 493 -1.55 -17.11 0.17
C PHE A 493 -2.46 -16.75 1.33
N ILE A 494 -3.20 -17.73 1.85
CA ILE A 494 -4.14 -17.45 2.94
C ILE A 494 -3.44 -16.93 4.19
N PRO A 495 -2.40 -17.59 4.72
CA PRO A 495 -1.78 -17.08 5.95
C PRO A 495 -1.18 -15.68 5.80
N LEU A 496 -0.59 -15.37 4.65
CA LEU A 496 0.02 -14.06 4.48
C LEU A 496 -1.04 -12.96 4.45
N VAL A 497 -2.10 -13.17 3.67
CA VAL A 497 -3.19 -12.19 3.64
C VAL A 497 -3.83 -12.07 5.01
N LEU A 498 -3.94 -13.18 5.74
CA LEU A 498 -4.52 -13.14 7.08
C LEU A 498 -3.66 -12.31 8.02
N ALA A 499 -2.34 -12.50 7.98
CA ALA A 499 -1.46 -11.71 8.82
C ALA A 499 -1.51 -10.23 8.46
N PHE A 500 -1.57 -9.93 7.16
CA PHE A 500 -1.70 -8.53 6.73
C PHE A 500 -3.00 -7.93 7.23
N ARG A 501 -4.10 -8.69 7.15
CA ARG A 501 -5.38 -8.19 7.65
C ARG A 501 -5.34 -7.96 9.15
N TYR A 502 -4.71 -8.87 9.89
CA TYR A 502 -4.60 -8.70 11.34
C TYR A 502 -3.78 -7.46 11.67
N TRP A 503 -2.68 -7.25 10.96
CA TRP A 503 -1.85 -6.07 11.19
C TRP A 503 -2.63 -4.79 10.87
N ALA A 504 -3.40 -4.81 9.78
CA ALA A 504 -4.22 -3.64 9.45
C ALA A 504 -5.27 -3.38 10.53
N LYS A 505 -5.91 -4.44 11.03
CA LYS A 505 -6.85 -4.28 12.14
C LYS A 505 -6.17 -3.67 13.35
N LEU A 506 -4.94 -4.09 13.65
CA LEU A 506 -4.20 -3.47 14.74
C LEU A 506 -3.98 -1.98 14.45
N CYS A 507 -3.64 -1.65 13.21
CA CYS A 507 -3.31 -0.28 12.84
C CYS A 507 -4.54 0.55 12.48
N TYR A 508 -5.70 -0.08 12.32
CA TYR A 508 -6.97 0.57 11.98
C TYR A 508 -7.02 1.03 10.54
N ILE A 509 -6.08 0.60 9.70
CA ILE A 509 -6.07 0.99 8.30
C ILE A 509 -7.06 0.17 7.48
N ASP A 510 -7.42 -1.02 7.95
CA ASP A 510 -8.29 -1.90 7.18
C ASP A 510 -9.65 -1.26 6.91
N SER A 511 -10.20 -0.55 7.90
CA SER A 511 -11.55 -0.03 7.76
C SER A 511 -11.62 0.98 6.62
N GLN A 512 -12.56 0.74 5.70
CA GLN A 512 -12.77 1.68 4.60
C GLN A 512 -13.39 2.98 5.11
N THR A 513 -14.30 2.90 6.07
CA THR A 513 -14.96 4.08 6.59
C THR A 513 -13.98 4.87 7.46
N ASP A 514 -14.26 6.16 7.60
CA ASP A 514 -13.41 7.05 8.40
C ASP A 514 -11.99 7.02 7.85
N GLY A 515 -11.86 7.03 6.53
CA GLY A 515 -10.58 7.03 5.87
C GLY A 515 -9.96 5.65 5.82
N GLY A 516 -8.66 5.61 5.58
CA GLY A 516 -7.94 4.36 5.53
C GLY A 516 -7.93 3.76 4.14
N ILE A 517 -7.79 2.44 4.07
CA ILE A 517 -7.75 1.73 2.78
C ILE A 517 -8.82 0.64 2.81
N PRO A 518 -9.57 0.41 1.70
CA PRO A 518 -10.57 -0.65 1.70
C PRO A 518 -10.10 -1.94 2.35
N SER A 519 -10.99 -2.59 3.11
CA SER A 519 -10.59 -3.76 3.89
C SER A 519 -10.21 -4.93 2.98
N TYR A 520 -11.06 -5.27 2.01
CA TYR A 520 -10.81 -6.44 1.18
C TYR A 520 -9.65 -6.22 0.22
N CYS A 521 -9.47 -4.99 -0.27
CA CYS A 521 -8.39 -4.73 -1.22
C CYS A 521 -7.02 -5.00 -0.62
N PHE A 522 -6.91 -5.08 0.71
CA PHE A 522 -5.65 -5.47 1.32
C PHE A 522 -5.19 -6.81 0.76
N ALA A 523 -6.11 -7.75 0.60
CA ALA A 523 -5.75 -9.03 -0.01
C ALA A 523 -5.12 -8.79 -1.38
N LEU A 524 -5.79 -7.98 -2.22
CA LEU A 524 -5.21 -7.65 -3.51
C LEU A 524 -3.81 -7.08 -3.36
N MET A 525 -3.60 -6.24 -2.34
CA MET A 525 -2.27 -5.70 -2.10
C MET A 525 -1.24 -6.82 -1.99
N VAL A 526 -1.55 -7.84 -1.18
CA VAL A 526 -0.66 -8.98 -1.07
C VAL A 526 -0.45 -9.63 -2.43
N MET A 527 -1.55 -9.80 -3.18
CA MET A 527 -1.42 -10.38 -4.51
C MET A 527 -0.46 -9.59 -5.38
N PHE A 528 -0.37 -8.27 -5.17
CA PHE A 528 0.59 -7.50 -5.96
C PHE A 528 2.02 -7.85 -5.58
N PHE A 529 2.29 -8.01 -4.29
CA PHE A 529 3.65 -8.32 -3.86
C PHE A 529 4.07 -9.66 -4.43
N LEU A 530 3.25 -10.68 -4.21
CA LEU A 530 3.62 -12.00 -4.69
C LEU A 530 3.86 -11.93 -6.20
N GLN A 531 3.02 -11.17 -6.91
CA GLN A 531 3.16 -11.10 -8.36
C GLN A 531 4.42 -10.33 -8.75
N GLN A 532 4.80 -9.31 -7.99
CA GLN A 532 5.95 -8.50 -8.33
C GLN A 532 7.24 -8.99 -7.68
N ARG A 533 7.16 -10.07 -6.91
CA ARG A 533 8.34 -10.65 -6.26
C ARG A 533 9.25 -11.23 -7.33
N LYS A 534 10.56 -11.19 -7.08
CA LYS A 534 11.50 -11.66 -8.11
C LYS A 534 11.20 -13.12 -8.44
N PRO A 535 11.01 -14.01 -7.47
CA PRO A 535 10.50 -15.34 -7.79
C PRO A 535 9.00 -15.34 -7.61
N PRO A 536 8.22 -15.29 -8.69
CA PRO A 536 6.77 -15.15 -8.51
C PRO A 536 6.13 -16.39 -7.89
N LEU A 537 5.11 -16.14 -7.07
CA LEU A 537 4.34 -17.20 -6.44
C LEU A 537 2.94 -17.33 -7.02
N LEU A 538 2.52 -16.40 -7.88
CA LEU A 538 1.18 -16.38 -8.44
C LEU A 538 1.29 -16.09 -9.94
N PRO A 539 0.65 -16.87 -10.80
CA PRO A 539 0.65 -16.53 -12.23
C PRO A 539 -0.09 -15.23 -12.49
N CYS A 540 0.16 -14.67 -13.67
CA CYS A 540 -0.49 -13.43 -14.07
C CYS A 540 -1.89 -13.72 -14.61
N LEU A 541 -2.84 -12.87 -14.23
CA LEU A 541 -4.22 -13.08 -14.68
C LEU A 541 -4.33 -12.96 -16.19
N LEU A 542 -3.78 -11.88 -16.76
CA LEU A 542 -3.71 -11.71 -18.20
C LEU A 542 -2.29 -11.32 -18.59
N GLY A 543 -1.89 -11.74 -19.79
CA GLY A 543 -0.54 -11.58 -20.26
C GLY A 543 0.31 -12.83 -20.18
N SER A 544 -0.08 -13.79 -19.32
CA SER A 544 0.59 -15.08 -19.32
C SER A 544 0.37 -15.80 -20.64
N TRP A 545 -0.84 -15.75 -21.17
CA TRP A 545 -1.16 -16.28 -22.49
C TRP A 545 -2.13 -15.32 -23.16
N ILE A 546 -1.68 -14.66 -24.22
CA ILE A 546 -2.48 -13.65 -24.90
C ILE A 546 -1.93 -13.49 -26.32
N GLU A 547 -2.81 -13.07 -27.23
CA GLU A 547 -2.45 -12.83 -28.62
C GLU A 547 -2.72 -11.38 -28.96
N GLY A 548 -1.79 -10.75 -29.68
CA GLY A 548 -1.92 -9.35 -30.02
C GLY A 548 -1.89 -8.44 -28.80
N PHE A 549 -1.04 -8.75 -27.83
CA PHE A 549 -0.97 -7.96 -26.60
C PHE A 549 -0.44 -6.56 -26.92
N ASP A 550 -1.23 -5.54 -26.57
CA ASP A 550 -0.84 -4.14 -26.73
C ASP A 550 -0.82 -3.48 -25.36
N PRO A 551 0.34 -3.36 -24.71
CA PRO A 551 0.36 -2.86 -23.32
C PRO A 551 -0.07 -1.40 -23.18
N LYS A 552 -0.34 -0.70 -24.28
CA LYS A 552 -0.71 0.71 -24.18
C LYS A 552 -2.01 0.89 -23.38
N ARG A 553 -3.00 0.03 -23.63
CA ARG A 553 -4.27 0.15 -22.93
C ARG A 553 -4.98 -1.20 -22.98
N MET A 554 -5.33 -1.74 -21.81
CA MET A 554 -6.08 -2.98 -21.70
C MET A 554 -7.54 -2.75 -21.36
N ASP A 555 -8.05 -1.54 -21.60
CA ASP A 555 -9.42 -1.23 -21.22
C ASP A 555 -10.42 -2.11 -21.98
N ASP A 556 -10.17 -2.32 -23.28
CA ASP A 556 -11.09 -3.14 -24.07
C ASP A 556 -11.16 -4.56 -23.54
N PHE A 557 -10.02 -5.13 -23.17
CA PHE A 557 -9.98 -6.49 -22.65
C PHE A 557 -10.85 -6.61 -21.41
N GLN A 558 -11.64 -7.68 -21.34
CA GLN A 558 -12.52 -7.95 -20.22
C GLN A 558 -12.36 -9.39 -19.78
N LEU A 559 -12.52 -9.61 -18.48
CA LEU A 559 -12.35 -10.92 -17.86
C LEU A 559 -13.71 -11.49 -17.45
N LYS A 560 -13.70 -12.75 -17.04
CA LYS A 560 -14.91 -13.46 -16.64
C LYS A 560 -14.60 -14.35 -15.45
N GLY A 561 -15.61 -15.09 -15.00
CA GLY A 561 -15.44 -15.95 -13.84
C GLY A 561 -14.45 -17.06 -14.08
N ILE A 562 -13.92 -17.60 -12.97
CA ILE A 562 -12.94 -18.67 -13.06
C ILE A 562 -13.59 -19.90 -13.71
N VAL A 563 -12.73 -20.77 -14.24
CA VAL A 563 -13.15 -22.01 -14.88
C VAL A 563 -12.33 -23.14 -14.24
N GLU A 564 -12.90 -23.78 -13.23
CA GLU A 564 -12.24 -24.88 -12.54
C GLU A 564 -10.86 -24.48 -12.04
N GLU A 565 -10.80 -23.31 -11.41
CA GLU A 565 -9.57 -22.79 -10.81
C GLU A 565 -8.45 -22.64 -11.85
N LYS A 566 -8.83 -22.38 -13.10
CA LYS A 566 -7.84 -22.14 -14.15
C LYS A 566 -7.61 -20.63 -14.29
N PHE A 567 -6.83 -20.24 -15.29
CA PHE A 567 -6.63 -18.82 -15.54
C PHE A 567 -7.95 -18.13 -15.85
N VAL A 568 -8.10 -16.90 -15.37
CA VAL A 568 -9.32 -16.15 -15.63
C VAL A 568 -9.53 -16.04 -17.14
N LYS A 569 -10.78 -15.82 -17.53
CA LYS A 569 -11.17 -15.79 -18.94
C LYS A 569 -10.28 -14.85 -19.72
N TRP A 570 -9.64 -15.38 -20.77
CA TRP A 570 -8.74 -14.62 -21.62
C TRP A 570 -9.28 -14.42 -23.02
N GLU A 571 -10.56 -14.71 -23.25
CA GLU A 571 -11.17 -14.56 -24.56
C GLU A 571 -11.67 -13.12 -24.72
N CYS A 572 -11.57 -12.61 -25.95
CA CYS A 572 -12.02 -11.25 -26.24
C CYS A 572 -12.22 -11.07 -27.74
N LEU A 619 -4.88 -20.67 -12.44
CA LEU A 619 -4.09 -19.64 -11.77
C LEU A 619 -3.04 -20.28 -10.87
N ALA A 620 -2.41 -21.33 -11.37
CA ALA A 620 -1.37 -22.05 -10.63
C ALA A 620 -0.07 -22.04 -11.43
N LEU A 621 1.04 -21.85 -10.73
CA LEU A 621 2.33 -21.85 -11.39
C LEU A 621 2.67 -23.25 -11.91
N GLU A 622 3.49 -23.30 -12.96
CA GLU A 622 3.88 -24.58 -13.51
C GLU A 622 4.63 -25.42 -12.49
N THR A 623 5.50 -24.79 -11.71
CA THR A 623 6.25 -25.47 -10.66
C THR A 623 5.84 -24.93 -9.30
N PRO A 624 5.52 -25.80 -8.34
CA PRO A 624 5.08 -25.30 -7.02
C PRO A 624 6.18 -24.51 -6.32
N ASN A 625 5.77 -23.48 -5.59
CA ASN A 625 6.67 -22.66 -4.80
C ASN A 625 6.28 -22.78 -3.33
N ARG A 626 7.26 -23.13 -2.49
CA ARG A 626 7.03 -23.32 -1.06
C ARG A 626 8.23 -22.77 -0.31
N VAL A 627 8.04 -21.68 0.43
CA VAL A 627 9.09 -21.06 1.22
C VAL A 627 8.53 -20.74 2.60
N SER A 628 9.45 -20.57 3.55
CA SER A 628 9.05 -20.26 4.92
C SER A 628 8.22 -18.97 4.94
N LEU A 629 7.15 -18.99 5.74
CA LEU A 629 6.25 -17.83 5.79
C LEU A 629 6.97 -16.60 6.32
N GLY A 630 7.96 -16.78 7.20
CA GLY A 630 8.70 -15.64 7.70
C GLY A 630 9.46 -14.91 6.60
N GLN A 631 10.07 -15.67 5.68
CA GLN A 631 10.76 -15.05 4.56
C GLN A 631 9.79 -14.27 3.69
N LEU A 632 8.61 -14.82 3.43
CA LEU A 632 7.62 -14.10 2.64
C LEU A 632 7.17 -12.83 3.34
N TRP A 633 6.97 -12.90 4.66
CA TRP A 633 6.58 -11.70 5.41
C TRP A 633 7.65 -10.63 5.35
N LEU A 634 8.92 -11.02 5.52
CA LEU A 634 10.01 -10.05 5.45
C LEU A 634 10.10 -9.44 4.06
N GLU A 635 9.95 -10.26 3.02
CA GLU A 635 10.01 -9.74 1.66
C GLU A 635 8.86 -8.78 1.38
N LEU A 636 7.66 -9.09 1.88
CA LEU A 636 6.53 -8.19 1.72
C LEU A 636 6.78 -6.86 2.43
N LEU A 637 7.29 -6.92 3.66
CA LEU A 637 7.57 -5.69 4.39
C LEU A 637 8.63 -4.85 3.69
N LYS A 638 9.68 -5.49 3.19
CA LYS A 638 10.69 -4.76 2.43
C LYS A 638 10.10 -4.17 1.15
N PHE A 639 9.24 -4.92 0.47
CA PHE A 639 8.64 -4.45 -0.77
C PHE A 639 7.80 -3.20 -0.53
N TYR A 640 6.98 -3.22 0.51
CA TYR A 640 6.05 -2.12 0.77
C TYR A 640 6.60 -1.04 1.69
N THR A 641 7.82 -1.19 2.19
CA THR A 641 8.41 -0.20 3.09
C THR A 641 9.73 0.36 2.57
N LEU A 642 10.65 -0.49 2.15
CA LEU A 642 12.00 -0.07 1.79
C LEU A 642 12.35 -0.24 0.32
N ASP A 643 11.46 -0.83 -0.49
CA ASP A 643 11.82 -1.17 -1.86
C ASP A 643 11.45 -0.07 -2.86
N PHE A 644 10.17 0.28 -2.93
CA PHE A 644 9.67 1.18 -3.97
C PHE A 644 8.75 2.23 -3.35
N ALA A 645 8.64 3.35 -4.05
CA ALA A 645 7.76 4.44 -3.63
C ALA A 645 6.31 4.09 -3.96
N LEU A 646 5.45 4.14 -2.95
CA LEU A 646 4.06 3.74 -3.15
C LEU A 646 3.35 4.66 -4.13
N GLU A 647 3.59 5.97 -4.03
CA GLU A 647 2.90 6.92 -4.91
C GLU A 647 3.33 6.75 -6.36
N GLU A 648 4.56 6.30 -6.60
CA GLU A 648 5.09 6.29 -7.96
C GLU A 648 4.26 5.42 -8.88
N TYR A 649 3.86 4.24 -8.41
CA TYR A 649 3.19 3.25 -9.25
C TYR A 649 1.89 2.80 -8.59
N VAL A 650 0.99 2.27 -9.41
CA VAL A 650 -0.31 1.79 -8.95
C VAL A 650 -0.20 0.32 -8.59
N ILE A 651 -1.05 -0.11 -7.67
CA ILE A 651 -1.12 -1.51 -7.25
C ILE A 651 -2.13 -2.21 -8.15
N CYS A 652 -1.65 -3.03 -9.07
CA CYS A 652 -2.50 -3.72 -10.02
C CYS A 652 -2.05 -5.17 -10.15
N VAL A 653 -2.98 -6.03 -10.55
CA VAL A 653 -2.71 -7.46 -10.74
C VAL A 653 -2.96 -7.90 -12.18
N ARG A 654 -3.47 -7.02 -13.04
CA ARG A 654 -3.75 -7.42 -14.42
C ARG A 654 -2.48 -7.83 -15.14
N ILE A 655 -1.42 -7.03 -15.00
CA ILE A 655 -0.17 -7.25 -15.71
C ILE A 655 0.99 -7.14 -14.72
N GLN A 656 1.95 -8.04 -14.85
CA GLN A 656 3.14 -7.98 -14.02
C GLN A 656 3.95 -6.72 -14.27
N ASP A 657 3.82 -6.12 -15.46
CA ASP A 657 4.54 -4.90 -15.77
C ASP A 657 4.04 -3.75 -14.91
N ILE A 658 4.97 -2.94 -14.44
CA ILE A 658 4.63 -1.79 -13.60
C ILE A 658 4.03 -0.69 -14.48
N LEU A 659 2.97 -0.06 -13.98
CA LEU A 659 2.24 0.96 -14.71
C LEU A 659 2.26 2.27 -13.93
N THR A 660 2.46 3.37 -14.64
CA THR A 660 2.49 4.69 -14.02
C THR A 660 1.09 5.15 -13.66
N ARG A 661 1.01 6.03 -12.65
CA ARG A 661 -0.29 6.52 -12.21
C ARG A 661 -0.86 7.53 -13.21
N GLU A 662 0.00 8.37 -13.79
CA GLU A 662 -0.47 9.40 -14.72
C GLU A 662 -1.02 8.82 -16.01
N ASN A 663 -0.63 7.58 -16.35
CA ASN A 663 -1.12 6.97 -17.58
C ASN A 663 -2.63 6.77 -17.53
N LYS A 664 -3.15 6.40 -16.37
CA LYS A 664 -4.58 6.18 -16.19
C LYS A 664 -5.33 7.43 -15.75
N ASN A 665 -4.65 8.56 -15.62
CA ASN A 665 -5.26 9.83 -15.20
C ASN A 665 -5.77 9.78 -13.76
N TRP A 666 -5.26 8.85 -12.95
CA TRP A 666 -5.69 8.73 -11.57
C TRP A 666 -5.01 9.80 -10.71
N PRO A 667 -5.61 10.09 -9.54
CA PRO A 667 -5.03 11.10 -8.65
C PRO A 667 -3.76 10.60 -8.01
N LYS A 668 -2.92 11.52 -7.52
CA LYS A 668 -1.67 11.13 -6.88
C LYS A 668 -1.77 11.23 -5.37
N ARG A 669 -2.84 11.84 -4.87
CA ARG A 669 -3.02 11.97 -3.43
C ARG A 669 -3.52 10.67 -2.83
N ARG A 670 -4.40 9.98 -3.53
CA ARG A 670 -4.98 8.75 -3.00
C ARG A 670 -4.17 7.54 -3.44
N ILE A 671 -4.00 6.58 -2.53
CA ILE A 671 -3.30 5.35 -2.88
C ILE A 671 -4.05 4.66 -4.01
N ALA A 672 -3.31 4.25 -5.04
CA ALA A 672 -3.88 3.69 -6.25
C ALA A 672 -3.88 2.16 -6.13
N ILE A 673 -5.06 1.58 -6.02
CA ILE A 673 -5.24 0.13 -6.03
C ILE A 673 -6.28 -0.20 -7.08
N GLU A 674 -5.99 -1.18 -7.94
CA GLU A 674 -6.82 -1.51 -9.08
C GLU A 674 -7.15 -3.00 -9.04
N ASP A 675 -8.44 -3.32 -8.93
CA ASP A 675 -8.86 -4.70 -9.07
C ASP A 675 -8.95 -5.06 -10.56
N PRO A 676 -8.66 -6.32 -10.91
CA PRO A 676 -8.50 -6.65 -12.34
C PRO A 676 -9.75 -6.41 -13.17
N PHE A 677 -10.94 -6.55 -12.58
CA PHE A 677 -12.18 -6.56 -13.34
C PHE A 677 -12.78 -5.16 -13.51
N SER A 678 -12.21 -4.14 -12.88
CA SER A 678 -12.74 -2.78 -13.01
C SER A 678 -11.59 -1.80 -12.87
N VAL A 679 -11.30 -1.06 -13.95
CA VAL A 679 -10.23 -0.08 -13.98
C VAL A 679 -10.73 1.34 -14.16
N LYS A 680 -12.06 1.54 -14.21
CA LYS A 680 -12.59 2.89 -14.42
C LYS A 680 -12.24 3.81 -13.26
N ARG A 681 -12.35 3.32 -12.04
CA ARG A 681 -12.15 4.14 -10.84
C ARG A 681 -11.26 3.40 -9.85
N ASN A 682 -10.59 4.17 -9.00
CA ASN A 682 -9.74 3.59 -7.97
C ASN A 682 -10.59 2.96 -6.87
N VAL A 683 -10.28 1.71 -6.54
CA VAL A 683 -11.01 1.03 -5.47
C VAL A 683 -10.72 1.69 -4.13
N ALA A 684 -9.49 2.15 -3.93
CA ALA A 684 -9.08 2.78 -2.68
C ALA A 684 -9.04 4.29 -2.88
N ARG A 685 -10.03 4.98 -2.32
CA ARG A 685 -10.11 6.44 -2.39
C ARG A 685 -10.27 7.08 -1.01
N SER A 686 -10.15 6.31 0.06
CA SER A 686 -10.30 6.82 1.42
C SER A 686 -8.98 7.25 2.04
N LEU A 687 -7.87 7.14 1.32
CA LEU A 687 -6.56 7.54 1.82
C LEU A 687 -6.14 8.91 1.28
N ASN A 688 -7.10 9.74 0.90
CA ASN A 688 -6.75 11.07 0.37
C ASN A 688 -6.01 11.89 1.41
N SER A 689 -6.45 11.84 2.67
CA SER A 689 -5.78 12.57 3.73
C SER A 689 -4.33 12.12 3.85
N GLN A 690 -3.41 13.09 3.79
CA GLN A 690 -1.98 12.76 3.86
C GLN A 690 -1.57 12.29 5.26
N LEU A 691 -2.30 12.72 6.29
CA LEU A 691 -2.00 12.26 7.64
C LEU A 691 -2.15 10.76 7.74
N VAL A 692 -3.21 10.20 7.16
CA VAL A 692 -3.42 8.75 7.20
C VAL A 692 -2.31 8.03 6.46
N TYR A 693 -1.88 8.58 5.31
CA TYR A 693 -0.79 7.95 4.58
C TYR A 693 0.51 7.97 5.37
N GLU A 694 0.81 9.09 6.03
CA GLU A 694 2.01 9.16 6.85
C GLU A 694 1.93 8.17 8.01
N TYR A 695 0.75 8.04 8.62
CA TYR A 695 0.59 7.05 9.67
C TYR A 695 0.81 5.64 9.14
N VAL A 696 0.30 5.36 7.94
CA VAL A 696 0.50 4.04 7.34
C VAL A 696 1.99 3.78 7.13
N VAL A 697 2.70 4.77 6.60
CA VAL A 697 4.12 4.60 6.31
C VAL A 697 4.91 4.38 7.60
N GLU A 698 4.62 5.17 8.63
CA GLU A 698 5.37 5.02 9.88
C GLU A 698 5.04 3.69 10.55
N ARG A 699 3.79 3.24 10.46
CA ARG A 699 3.46 1.91 10.98
C ARG A 699 4.18 0.82 10.20
N PHE A 700 4.29 0.97 8.88
CA PHE A 700 5.04 0.00 8.09
C PHE A 700 6.49 -0.06 8.55
N ARG A 701 7.11 1.10 8.75
CA ARG A 701 8.50 1.13 9.21
C ARG A 701 8.63 0.51 10.59
N ALA A 702 7.70 0.81 11.49
CA ALA A 702 7.75 0.25 12.84
C ALA A 702 7.60 -1.27 12.80
N ALA A 703 6.69 -1.78 11.96
CA ALA A 703 6.54 -3.23 11.84
C ALA A 703 7.80 -3.86 11.26
N TYR A 704 8.40 -3.21 10.25
CA TYR A 704 9.61 -3.75 9.66
C TYR A 704 10.72 -3.86 10.70
N ARG A 705 10.93 -2.80 11.48
CA ARG A 705 12.00 -2.85 12.47
C ARG A 705 11.67 -3.82 13.61
N TYR A 706 10.39 -3.95 13.95
CA TYR A 706 9.99 -4.89 14.99
C TYR A 706 10.24 -6.33 14.56
N PHE A 707 9.95 -6.66 13.31
CA PHE A 707 10.07 -8.04 12.84
C PHE A 707 11.50 -8.38 12.48
N ALA A 708 12.17 -7.51 11.72
CA ALA A 708 13.53 -7.82 11.26
C ALA A 708 14.49 -7.96 12.43
N CYS A 709 14.40 -7.08 13.42
CA CYS A 709 15.32 -7.12 14.53
C CYS A 709 15.09 -8.38 15.36
N PRO A 710 16.14 -9.00 15.88
CA PRO A 710 15.97 -10.25 16.62
C PRO A 710 15.21 -10.03 17.92
N GLN A 711 14.25 -10.90 18.19
CA GLN A 711 13.42 -10.81 19.39
C GLN A 711 12.87 -12.18 19.71
N THR A 712 12.46 -12.34 20.96
CA THR A 712 11.88 -13.61 21.40
C THR A 712 10.67 -13.97 20.55
N LYS A 713 10.58 -15.25 20.18
CA LYS A 713 9.49 -15.76 19.35
C LYS A 713 9.50 -15.11 17.97
N GLY A 714 10.68 -14.76 17.48
CA GLY A 714 10.81 -14.20 16.14
C GLY A 714 10.24 -12.82 15.98
N GLY A 715 10.08 -12.07 17.07
CA GLY A 715 9.59 -10.71 16.99
C GLY A 715 8.20 -10.63 16.38
N ASN A 716 7.29 -11.49 16.83
CA ASN A 716 5.94 -11.54 16.31
C ASN A 716 4.95 -11.39 17.45
N LYS A 717 3.78 -10.84 17.12
CA LYS A 717 2.70 -10.65 18.09
C LYS A 717 2.45 -11.92 18.89
N GLY B 136 31.15 38.70 17.07
CA GLY B 136 32.11 37.96 17.87
C GLY B 136 32.79 36.84 17.11
N ASP B 137 32.08 36.31 16.11
CA ASP B 137 32.58 35.23 15.29
C ASP B 137 32.61 35.65 13.82
N ARG B 138 33.61 35.15 13.10
CA ARG B 138 33.77 35.50 11.70
C ARG B 138 32.60 34.97 10.87
N CYS B 139 32.27 35.69 9.80
CA CYS B 139 31.20 35.26 8.92
C CYS B 139 31.50 33.88 8.35
N TYR B 140 30.48 33.02 8.31
CA TYR B 140 30.67 31.68 7.78
C TYR B 140 30.93 31.74 6.27
N ASN B 141 30.18 32.56 5.54
CA ASN B 141 30.29 32.58 4.09
C ASN B 141 31.58 33.28 3.64
N CYS B 142 31.90 34.43 4.25
CA CYS B 142 33.03 35.24 3.80
C CYS B 142 34.16 35.34 4.81
N GLY B 143 33.97 34.88 6.04
CA GLY B 143 35.01 35.02 7.05
C GLY B 143 35.29 36.46 7.44
N GLY B 144 34.25 37.29 7.54
CA GLY B 144 34.41 38.67 7.92
C GLY B 144 33.55 39.05 9.11
N LEU B 145 34.18 39.60 10.15
CA LEU B 145 33.46 39.95 11.37
C LEU B 145 32.44 41.07 11.14
N ASP B 146 32.52 41.77 10.01
CA ASP B 146 31.63 42.90 9.78
C ASP B 146 30.16 42.47 9.80
N HIS B 147 29.84 41.35 9.17
CA HIS B 147 28.47 40.85 9.13
C HIS B 147 28.45 39.34 9.28
N HIS B 148 27.34 38.84 9.80
CA HIS B 148 27.11 37.40 9.94
C HIS B 148 26.54 36.83 8.65
N ALA B 149 26.43 35.50 8.60
CA ALA B 149 26.00 34.83 7.39
C ALA B 149 24.61 35.28 6.96
N LYS B 150 23.68 35.40 7.93
CA LYS B 150 22.34 35.84 7.59
C LYS B 150 22.35 37.23 6.97
N GLU B 151 23.11 38.15 7.56
CA GLU B 151 23.24 39.49 6.99
C GLU B 151 24.15 39.52 5.77
N CYS B 152 25.07 38.56 5.66
CA CYS B 152 26.00 38.54 4.53
C CYS B 152 25.24 38.40 3.22
N LYS B 153 25.61 39.23 2.24
CA LYS B 153 24.95 39.25 0.94
C LYS B 153 25.85 38.85 -0.22
N LEU B 154 27.17 38.88 -0.05
CA LEU B 154 28.06 38.54 -1.13
C LEU B 154 28.00 37.04 -1.43
N PRO B 155 28.31 36.64 -2.67
CA PRO B 155 28.16 35.23 -3.04
C PRO B 155 29.27 34.38 -2.44
N PRO B 156 29.07 33.07 -2.32
CA PRO B 156 30.08 32.21 -1.68
C PRO B 156 31.42 32.31 -2.39
N GLN B 157 32.47 32.45 -1.61
CA GLN B 157 33.84 32.61 -2.09
C GLN B 157 34.76 31.67 -1.32
N PRO B 158 35.89 31.29 -1.91
CA PRO B 158 36.76 30.30 -1.28
C PRO B 158 37.11 30.66 0.16
N LYS B 159 37.07 29.66 1.03
CA LYS B 159 37.44 29.84 2.43
C LYS B 159 38.91 30.23 2.56
N LYS B 160 39.23 30.90 3.66
CA LYS B 160 40.57 31.39 3.94
C LYS B 160 41.00 30.93 5.33
N CYS B 161 42.24 30.50 5.45
CA CYS B 161 42.80 30.09 6.73
C CYS B 161 43.15 31.33 7.55
N HIS B 162 42.58 31.42 8.76
CA HIS B 162 42.77 32.62 9.57
C HIS B 162 44.22 32.76 10.03
N PHE B 163 44.87 31.64 10.37
CA PHE B 163 46.22 31.71 10.93
C PHE B 163 47.20 32.26 9.90
N CYS B 164 47.12 31.79 8.65
CA CYS B 164 48.08 32.17 7.62
C CYS B 164 47.45 32.94 6.45
N GLN B 165 46.14 33.19 6.48
CA GLN B 165 45.48 33.96 5.43
C GLN B 165 45.72 33.33 4.06
N SER B 166 45.55 32.02 3.98
CA SER B 166 45.74 31.27 2.75
C SER B 166 44.52 30.39 2.51
N ILE B 167 44.00 30.43 1.27
CA ILE B 167 42.86 29.58 0.90
C ILE B 167 43.28 28.18 0.50
N SER B 168 44.57 27.93 0.32
CA SER B 168 45.02 26.60 -0.08
C SER B 168 44.68 25.55 0.95
N HIS B 169 44.67 25.92 2.23
CA HIS B 169 44.34 24.99 3.31
C HIS B 169 43.55 25.73 4.38
N MET B 170 43.05 24.99 5.35
CA MET B 170 42.25 25.52 6.44
C MET B 170 43.12 25.73 7.68
N VAL B 171 42.51 26.30 8.72
CA VAL B 171 43.25 26.62 9.94
C VAL B 171 43.77 25.35 10.60
N ALA B 172 42.93 24.31 10.69
CA ALA B 172 43.33 23.07 11.35
C ALA B 172 44.50 22.40 10.64
N SER B 173 44.71 22.67 9.36
CA SER B 173 45.78 22.05 8.58
C SER B 173 46.90 23.02 8.25
N CYS B 174 47.04 24.09 9.03
CA CYS B 174 48.11 25.05 8.77
C CYS B 174 49.46 24.40 8.98
N PRO B 175 50.42 24.55 8.05
CA PRO B 175 51.73 23.91 8.26
C PRO B 175 52.58 24.59 9.31
N LEU B 176 52.59 25.93 9.35
CA LEU B 176 53.48 26.67 10.22
C LEU B 176 52.92 26.89 11.62
N LYS B 177 51.66 26.52 11.87
CA LYS B 177 51.07 26.70 13.19
C LYS B 177 51.72 25.77 14.21
ZN ZN D . 29.78 37.88 5.45
ZN ZN E . 47.34 28.49 7.87
#